data_4YE3
#
_entry.id   4YE3
#
_cell.length_a   60.349
_cell.length_b   60.349
_cell.length_c   85.775
_cell.angle_alpha   90.00
_cell.angle_beta   90.00
_cell.angle_gamma   120.00
#
_symmetry.space_group_name_H-M   'P 61'
#
loop_
_entity.id
_entity.type
_entity.pdbx_description
1 polymer Protease
2 non-polymer 'YTTRIUM ION'
3 non-polymer 'CHLORIDE ION'
4 non-polymer GLYCEROL
5 non-polymer '(3R,3aS,4R,6aR)-4-methoxyhexahydrofuro[2,3-b]furan-3-yl [(2S,3R)-3-hydroxy-4-{[(4-methoxyphenyl)sulfonyl](2-methylpropyl)amino}-1-phenylbutan-2-yl]carbamate'
6 water water
#
_entity_poly.entity_id   1
_entity_poly.type   'polypeptide(L)'
_entity_poly.pdbx_seq_one_letter_code
;PQITLWKRPFVTVKVGGQLKEALLDTGADNTIFEDINLPGRWKPKMVGGIGGFLKVREYDQVPIEIAGHKVIGTVLVGPT
PVNVIGRDTMTQIGATLNF
;
_entity_poly.pdbx_strand_id   A,B
#
# COMPACT_ATOMS: atom_id res chain seq x y z
N PRO A 1 11.06 -5.71 14.86
CA PRO A 1 11.15 -4.28 15.15
C PRO A 1 9.78 -3.60 15.24
N GLN A 2 9.77 -2.41 15.83
CA GLN A 2 8.62 -1.48 15.80
CA GLN A 2 8.65 -1.51 15.85
C GLN A 2 9.11 -0.28 15.05
N ILE A 3 8.32 0.18 14.06
CA ILE A 3 8.68 1.38 13.28
C ILE A 3 7.53 2.36 13.25
N THR A 4 7.87 3.65 13.22
CA THR A 4 6.89 4.68 12.87
C THR A 4 6.89 4.81 11.37
N LEU A 5 6.07 5.73 10.83
CA LEU A 5 5.77 5.79 9.42
C LEU A 5 6.18 7.16 8.83
N TRP A 6 7.11 7.83 9.51
CA TRP A 6 7.63 9.07 8.97
C TRP A 6 8.45 8.89 7.72
N LYS A 7 9.10 7.73 7.59
CA LYS A 7 9.68 7.41 6.27
C LYS A 7 8.99 6.18 5.68
N ARG A 8 9.26 5.93 4.41
CA ARG A 8 8.69 4.74 3.74
CA ARG A 8 8.68 4.74 3.75
C ARG A 8 9.25 3.51 4.47
N PRO A 9 8.40 2.53 4.76
CA PRO A 9 8.83 1.36 5.56
C PRO A 9 9.49 0.26 4.70
N PHE A 10 10.66 0.58 4.21
CA PHE A 10 11.50 -0.39 3.54
C PHE A 10 12.10 -1.36 4.45
N VAL A 11 12.21 -2.61 3.96
CA VAL A 11 12.97 -3.65 4.65
C VAL A 11 13.82 -4.37 3.58
N THR A 12 14.96 -4.88 4.05
CA THR A 12 15.86 -5.71 3.22
C THR A 12 15.45 -7.15 3.31
N VAL A 13 15.30 -7.77 2.15
N VAL A 13 15.28 -7.76 2.15
CA VAL A 13 14.86 -9.15 2.08
CA VAL A 13 14.89 -9.16 2.10
C VAL A 13 15.79 -9.95 1.16
C VAL A 13 15.79 -9.95 1.19
N LYS A 14 15.75 -11.26 1.34
CA LYS A 14 16.39 -12.17 0.37
C LYS A 14 15.27 -13.02 -0.17
N VAL A 15 15.05 -12.95 -1.48
CA VAL A 15 13.92 -13.66 -2.11
C VAL A 15 14.54 -14.48 -3.21
N GLY A 16 14.29 -15.80 -3.14
CA GLY A 16 14.94 -16.74 -4.10
C GLY A 16 16.45 -16.50 -4.25
N GLY A 17 17.11 -16.22 -3.16
CA GLY A 17 18.59 -16.03 -3.22
C GLY A 17 19.11 -14.60 -3.59
N GLN A 18 18.21 -13.67 -3.91
CA GLN A 18 18.54 -12.36 -4.40
C GLN A 18 18.21 -11.33 -3.33
N LEU A 19 19.11 -10.40 -3.09
N LEU A 19 19.05 -10.32 -3.25
CA LEU A 19 18.84 -9.40 -2.09
CA LEU A 19 18.96 -9.28 -2.25
C LEU A 19 18.07 -8.29 -2.75
C LEU A 19 18.14 -8.14 -2.76
N LYS A 20 17.07 -7.78 -2.04
CA LYS A 20 16.20 -6.70 -2.55
C LYS A 20 15.74 -5.87 -1.41
N GLU A 21 15.31 -4.65 -1.70
CA GLU A 21 14.50 -3.99 -0.66
CA GLU A 21 14.56 -3.82 -0.76
C GLU A 21 13.06 -3.83 -1.14
N ALA A 22 12.18 -3.82 -0.16
CA ALA A 22 10.75 -3.86 -0.46
C ALA A 22 10.01 -3.10 0.61
N LEU A 23 8.92 -2.48 0.19
N LEU A 23 8.86 -2.55 0.23
CA LEU A 23 8.08 -1.65 1.02
CA LEU A 23 7.99 -1.92 1.24
C LEU A 23 7.07 -2.55 1.87
C LEU A 23 7.17 -2.89 2.05
N LEU A 24 7.11 -2.59 3.28
CA LEU A 24 6.08 -3.26 4.09
C LEU A 24 4.78 -2.52 3.80
N ASP A 25 3.84 -3.17 3.10
CA ASP A 25 2.69 -2.52 2.51
C ASP A 25 1.39 -3.15 2.94
N THR A 26 0.76 -2.59 3.98
CA THR A 26 -0.46 -3.15 4.53
C THR A 26 -1.64 -3.02 3.52
N GLY A 27 -1.49 -2.13 2.51
CA GLY A 27 -2.53 -2.03 1.47
C GLY A 27 -2.38 -3.02 0.33
N ALA A 28 -1.37 -3.90 0.39
CA ALA A 28 -1.13 -4.87 -0.67
C ALA A 28 -1.50 -6.24 -0.19
N ASP A 29 -2.38 -6.92 -0.95
CA ASP A 29 -2.76 -8.30 -0.55
C ASP A 29 -1.55 -9.24 -0.83
N ASN A 30 -0.78 -9.00 -1.88
N ASN A 30 -0.76 -8.90 -1.85
CA ASN A 30 0.25 -9.90 -2.24
CA ASN A 30 0.16 -9.78 -2.50
C ASN A 30 1.61 -9.23 -2.30
C ASN A 30 1.59 -9.20 -2.48
N THR A 31 2.63 -10.03 -2.42
CA THR A 31 4.00 -9.62 -2.45
C THR A 31 4.44 -9.62 -3.90
N ILE A 32 5.13 -8.57 -4.32
N ILE A 32 4.96 -8.51 -4.43
CA ILE A 32 5.48 -8.37 -5.71
CA ILE A 32 5.38 -8.46 -5.84
C ILE A 32 6.90 -7.85 -5.81
C ILE A 32 6.74 -7.77 -6.04
N PHE A 33 7.67 -8.48 -6.70
CA PHE A 33 9.00 -7.95 -7.04
C PHE A 33 9.16 -7.82 -8.50
N GLU A 34 9.99 -6.83 -8.85
CA GLU A 34 10.54 -6.61 -10.19
CA GLU A 34 10.47 -6.76 -10.22
C GLU A 34 11.93 -7.21 -10.28
N ASP A 35 12.32 -7.67 -11.42
CA ASP A 35 13.74 -8.01 -11.71
C ASP A 35 14.34 -9.02 -10.79
N ILE A 36 13.59 -10.09 -10.58
CA ILE A 36 14.15 -11.24 -9.94
C ILE A 36 13.85 -12.36 -10.82
N ASN A 37 14.72 -13.36 -10.74
CA ASN A 37 14.50 -14.57 -11.51
CA ASN A 37 14.43 -14.59 -11.50
C ASN A 37 14.30 -15.76 -10.59
N LEU A 38 13.19 -16.45 -10.79
CA LEU A 38 12.83 -17.53 -9.97
C LEU A 38 12.72 -18.79 -10.83
N PRO A 39 13.04 -19.95 -10.27
CA PRO A 39 12.99 -21.15 -11.10
C PRO A 39 11.65 -21.80 -11.13
N GLY A 40 11.45 -22.65 -12.10
CA GLY A 40 10.30 -23.54 -12.15
C GLY A 40 9.08 -22.97 -12.78
N ARG A 41 7.99 -23.70 -12.63
CA ARG A 41 6.73 -23.30 -13.20
C ARG A 41 6.10 -22.08 -12.53
N TRP A 42 5.31 -21.38 -13.30
CA TRP A 42 4.54 -20.26 -12.80
C TRP A 42 3.22 -20.17 -13.48
N LYS A 43 2.32 -19.41 -12.89
CA LYS A 43 0.98 -19.19 -13.47
C LYS A 43 0.84 -17.71 -13.79
N PRO A 44 0.11 -17.38 -14.85
CA PRO A 44 -0.14 -15.99 -15.21
C PRO A 44 -1.16 -15.39 -14.22
N LYS A 45 -0.93 -14.12 -13.88
CA LYS A 45 -1.89 -13.32 -13.09
C LYS A 45 -1.81 -11.84 -13.44
N MET A 46 -2.86 -11.06 -13.10
N MET A 46 -2.93 -11.19 -13.17
CA MET A 46 -2.84 -9.59 -13.17
CA MET A 46 -2.96 -9.79 -13.35
C MET A 46 -3.08 -9.09 -11.75
C MET A 46 -3.29 -9.09 -12.09
N VAL A 47 -2.68 -7.83 -11.46
N VAL A 47 -2.35 -8.29 -11.69
CA VAL A 47 -3.02 -7.06 -10.24
CA VAL A 47 -2.43 -7.69 -10.45
C VAL A 47 -3.35 -5.61 -10.51
C VAL A 47 -3.04 -6.34 -10.73
N GLY A 48 -4.32 -5.13 -9.74
N GLY A 48 -3.85 -5.84 -9.81
CA GLY A 48 -4.94 -3.87 -9.99
CA GLY A 48 -4.42 -4.49 -9.99
C GLY A 48 -4.37 -2.93 -8.99
C GLY A 48 -3.80 -3.48 -9.02
N GLY A 49 -3.79 -1.89 -9.49
N GLY A 49 -4.24 -2.16 -9.07
CA GLY A 49 -3.22 -1.13 -8.60
CA GLY A 49 -3.91 -0.95 -8.23
C GLY A 49 -4.28 -0.11 -8.65
C GLY A 49 -4.24 0.51 -8.70
N ILE A 50 -3.81 1.05 -8.29
N ILE A 50 -3.75 1.52 -8.11
CA ILE A 50 -4.57 2.23 -8.24
CA ILE A 50 -4.43 2.65 -8.59
C ILE A 50 -4.87 2.59 -9.73
C ILE A 50 -4.17 2.68 -10.09
N GLY A 51 -3.98 2.11 -10.69
N GLY A 51 -4.46 3.74 -10.79
CA GLY A 51 -3.83 2.45 -12.13
CA GLY A 51 -4.00 3.79 -12.16
C GLY A 51 -4.56 1.53 -13.07
C GLY A 51 -3.94 2.63 -13.13
N GLY A 52 -4.96 0.36 -12.56
N GLY A 52 -4.29 1.44 -12.76
CA GLY A 52 -5.55 -0.64 -13.42
CA GLY A 52 -4.35 0.42 -13.74
C GLY A 52 -4.75 -1.88 -13.14
C GLY A 52 -3.78 -0.87 -13.23
N PHE A 53 -4.22 -2.48 -14.17
N PHE A 53 -3.20 -1.61 -14.14
CA PHE A 53 -3.51 -3.68 -13.92
CA PHE A 53 -2.99 -3.03 -13.99
C PHE A 53 -1.97 -3.78 -14.41
C PHE A 53 -1.51 -3.26 -14.10
N LEU A 54 -1.09 -4.43 -13.61
CA LEU A 54 0.25 -4.89 -13.90
C LEU A 54 0.13 -6.38 -14.21
N LYS A 55 0.73 -6.82 -15.31
N LYS A 55 0.77 -6.81 -15.28
CA LYS A 55 0.91 -8.26 -15.64
CA LYS A 55 0.93 -8.23 -15.63
C LYS A 55 2.05 -8.84 -14.84
C LYS A 55 2.06 -8.84 -14.84
N VAL A 56 1.78 -9.96 -14.18
CA VAL A 56 2.80 -10.67 -13.39
C VAL A 56 2.84 -12.22 -13.67
N ARG A 57 3.94 -12.84 -13.27
CA ARG A 57 4.02 -14.28 -13.07
C ARG A 57 3.87 -14.62 -11.62
N GLU A 58 3.09 -15.62 -11.32
CA GLU A 58 2.89 -16.05 -9.95
C GLU A 58 3.72 -17.30 -9.66
N TYR A 59 4.63 -17.23 -8.69
CA TYR A 59 5.41 -18.36 -8.21
C TYR A 59 4.98 -18.76 -6.83
N ASP A 60 4.69 -20.04 -6.63
CA ASP A 60 4.26 -20.53 -5.33
C ASP A 60 5.47 -21.11 -4.55
N GLN A 61 5.35 -21.17 -3.23
CA GLN A 61 6.44 -21.81 -2.46
C GLN A 61 7.87 -21.26 -2.68
N VAL A 62 8.04 -19.96 -2.61
CA VAL A 62 9.32 -19.30 -2.86
C VAL A 62 9.89 -18.90 -1.48
N PRO A 63 11.26 -19.07 -1.33
N PRO A 63 11.13 -19.23 -1.18
CA PRO A 63 11.86 -18.61 -0.06
CA PRO A 63 11.70 -18.74 0.09
C PRO A 63 11.90 -17.12 0.03
C PRO A 63 12.04 -17.25 0.14
N ILE A 64 11.57 -16.64 1.23
CA ILE A 64 11.71 -15.20 1.54
C ILE A 64 12.27 -15.09 2.91
N GLU A 65 13.38 -14.44 3.01
CA GLU A 65 13.99 -14.10 4.32
C GLU A 65 13.74 -12.69 4.63
N ILE A 66 13.04 -12.49 5.73
CA ILE A 66 12.53 -11.16 6.07
C ILE A 66 12.44 -11.03 7.62
N ALA A 67 13.04 -9.99 8.11
CA ALA A 67 12.96 -9.60 9.54
C ALA A 67 13.38 -10.75 10.45
N GLY A 68 14.42 -11.47 10.04
CA GLY A 68 14.98 -12.56 10.87
C GLY A 68 14.15 -13.84 10.77
N HIS A 69 13.18 -13.87 9.85
CA HIS A 69 12.35 -15.01 9.70
C HIS A 69 12.59 -15.54 8.32
N LYS A 70 12.39 -16.81 8.16
CA LYS A 70 12.45 -17.45 6.89
C LYS A 70 11.06 -17.99 6.67
N VAL A 71 10.44 -17.54 5.60
CA VAL A 71 9.12 -18.01 5.34
C VAL A 71 9.13 -18.52 3.88
N ILE A 72 8.08 -19.28 3.53
N ILE A 72 8.13 -19.30 3.49
CA ILE A 72 7.88 -19.76 2.19
CA ILE A 72 8.02 -19.66 2.10
C ILE A 72 6.54 -19.11 1.79
C ILE A 72 6.60 -19.17 1.75
N GLY A 73 6.47 -18.51 0.63
CA GLY A 73 5.21 -17.89 0.23
C GLY A 73 5.10 -17.74 -1.24
N THR A 74 3.99 -17.14 -1.66
CA THR A 74 3.74 -16.84 -3.04
C THR A 74 4.37 -15.49 -3.36
N VAL A 75 5.05 -15.44 -4.50
CA VAL A 75 5.67 -14.20 -4.99
C VAL A 75 5.19 -13.92 -6.36
N LEU A 76 4.71 -12.71 -6.60
CA LEU A 76 4.45 -12.29 -7.96
C LEU A 76 5.64 -11.53 -8.54
N VAL A 77 5.96 -11.76 -9.82
CA VAL A 77 7.09 -11.11 -10.44
C VAL A 77 6.57 -10.30 -11.64
N GLY A 78 6.86 -9.01 -11.64
CA GLY A 78 6.45 -8.14 -12.77
C GLY A 78 6.95 -6.74 -12.51
N PRO A 79 6.74 -5.84 -13.46
CA PRO A 79 7.46 -4.50 -13.49
C PRO A 79 6.89 -3.41 -12.56
N THR A 80 6.65 -3.74 -11.29
CA THR A 80 6.12 -2.84 -10.30
C THR A 80 7.17 -1.73 -10.05
N PRO A 81 6.70 -0.50 -9.72
CA PRO A 81 7.72 0.55 -9.55
C PRO A 81 8.55 0.42 -8.29
N VAL A 82 8.00 -0.32 -7.31
N VAL A 82 7.97 -0.20 -7.27
CA VAL A 82 8.60 -0.46 -5.99
CA VAL A 82 8.74 -0.52 -6.10
C VAL A 82 8.22 -1.90 -5.53
C VAL A 82 8.31 -1.96 -5.75
N ASN A 83 9.21 -2.67 -5.07
CA ASN A 83 8.89 -4.01 -4.58
C ASN A 83 8.02 -3.89 -3.34
N VAL A 84 6.98 -4.72 -3.21
N VAL A 84 7.09 -4.83 -3.17
CA VAL A 84 6.21 -4.66 -1.98
CA VAL A 84 6.01 -4.72 -2.19
C VAL A 84 6.15 -6.03 -1.31
C VAL A 84 5.88 -6.01 -1.34
N ILE A 85 6.07 -5.92 -0.01
CA ILE A 85 5.73 -7.06 0.88
C ILE A 85 4.30 -6.90 1.26
N GLY A 86 3.44 -7.83 0.83
CA GLY A 86 2.02 -7.68 1.16
C GLY A 86 1.60 -8.49 2.34
N ARG A 87 0.30 -8.50 2.59
CA ARG A 87 -0.24 -9.14 3.77
C ARG A 87 -0.02 -10.65 3.76
N ASP A 88 0.03 -11.27 2.58
CA ASP A 88 0.33 -12.71 2.55
C ASP A 88 1.66 -13.04 3.20
N THR A 89 2.67 -12.20 3.08
CA THR A 89 3.95 -12.44 3.73
C THR A 89 3.92 -11.90 5.17
N MET A 90 3.33 -10.71 5.38
CA MET A 90 3.40 -10.13 6.69
C MET A 90 2.63 -10.93 7.75
N THR A 91 1.53 -11.60 7.38
CA THR A 91 0.83 -12.44 8.36
C THR A 91 1.73 -13.60 8.80
N GLN A 92 2.63 -14.05 7.93
CA GLN A 92 3.47 -15.20 8.28
C GLN A 92 4.54 -14.82 9.28
N ILE A 93 4.78 -13.51 9.46
CA ILE A 93 5.74 -13.07 10.48
C ILE A 93 5.02 -12.34 11.63
N GLY A 94 3.69 -12.46 11.68
CA GLY A 94 2.86 -11.95 12.78
C GLY A 94 2.90 -10.43 12.85
N ALA A 95 3.02 -9.73 11.75
CA ALA A 95 3.04 -8.25 11.83
C ALA A 95 1.70 -7.68 12.27
N THR A 96 1.74 -6.53 12.97
CA THR A 96 0.55 -5.87 13.42
C THR A 96 0.70 -4.38 13.15
N LEU A 97 -0.47 -3.75 12.98
N LEU A 97 -0.43 -3.72 13.10
CA LEU A 97 -0.58 -2.27 13.00
CA LEU A 97 -0.37 -2.28 12.97
C LEU A 97 -1.07 -1.81 14.37
C LEU A 97 -1.14 -1.69 14.18
N ASN A 98 -0.50 -0.71 14.84
CA ASN A 98 -1.02 -0.06 16.02
C ASN A 98 -1.45 1.35 15.62
N PHE A 99 -2.63 1.78 16.01
CA PHE A 99 -3.07 3.15 15.59
C PHE A 99 -4.09 3.62 16.56
N PRO B 1 -6.24 1.10 18.48
CA PRO B 1 -6.34 -0.34 18.34
C PRO B 1 -5.03 -0.99 17.90
N GLN B 2 -4.90 -2.30 18.09
CA GLN B 2 -3.84 -3.12 17.47
C GLN B 2 -4.58 -4.08 16.57
N ILE B 3 -4.12 -4.24 15.32
CA ILE B 3 -4.74 -5.22 14.41
C ILE B 3 -3.68 -6.07 13.79
N THR B 4 -4.07 -7.32 13.55
CA THR B 4 -3.30 -8.18 12.66
C THR B 4 -3.71 -7.93 11.24
N LEU B 5 -3.13 -8.66 10.29
CA LEU B 5 -3.25 -8.35 8.83
C LEU B 5 -3.86 -9.50 8.06
N TRP B 6 -4.61 -10.36 8.79
CA TRP B 6 -5.31 -11.44 8.12
C TRP B 6 -6.43 -10.95 7.26
N LYS B 7 -7.03 -9.81 7.61
CA LYS B 7 -7.92 -9.20 6.67
C LYS B 7 -7.43 -7.84 6.22
N ARG B 8 -8.02 -7.31 5.16
CA ARG B 8 -7.64 -5.94 4.71
CA ARG B 8 -7.59 -5.96 4.75
C ARG B 8 -7.91 -4.97 5.86
N PRO B 9 -6.96 -4.07 6.16
CA PRO B 9 -7.11 -3.18 7.32
C PRO B 9 -7.95 -1.91 7.02
N PHE B 10 -9.24 -2.10 6.81
CA PHE B 10 -10.21 -1.02 6.66
C PHE B 10 -10.48 -0.36 7.95
N VAL B 11 -10.64 0.96 7.89
CA VAL B 11 -11.15 1.74 9.02
C VAL B 11 -12.24 2.65 8.49
N THR B 12 -13.15 3.03 9.39
CA THR B 12 -14.22 3.99 9.06
C THR B 12 -13.75 5.38 9.40
N VAL B 13 -13.98 6.30 8.46
N VAL B 13 -13.92 6.29 8.46
CA VAL B 13 -13.38 7.62 8.46
CA VAL B 13 -13.54 7.67 8.72
C VAL B 13 -14.49 8.63 8.14
C VAL B 13 -14.65 8.59 8.35
N LYS B 14 -14.45 9.84 8.75
CA LYS B 14 -15.32 10.95 8.29
C LYS B 14 -14.40 11.95 7.70
N VAL B 15 -14.54 12.22 6.41
CA VAL B 15 -13.63 13.13 5.71
C VAL B 15 -14.48 14.20 5.07
N GLY B 16 -14.16 15.45 5.40
CA GLY B 16 -15.03 16.54 4.97
C GLY B 16 -16.55 16.31 5.18
N GLY B 17 -16.88 15.75 6.32
CA GLY B 17 -18.29 15.50 6.65
C GLY B 17 -18.95 14.26 6.06
N GLN B 18 -18.16 13.43 5.35
N GLN B 18 -18.25 13.50 5.20
CA GLN B 18 -18.67 12.32 4.56
CA GLN B 18 -18.80 12.29 4.61
C GLN B 18 -18.10 11.02 5.12
C GLN B 18 -18.19 11.10 5.30
N LEU B 19 -18.95 10.02 5.36
CA LEU B 19 -18.50 8.77 5.97
C LEU B 19 -17.98 7.87 4.87
N LYS B 20 -16.77 7.34 5.11
CA LYS B 20 -16.17 6.45 4.14
C LYS B 20 -15.42 5.36 4.81
N GLU B 21 -15.17 4.28 4.08
CA GLU B 21 -14.22 3.28 4.57
C GLU B 21 -12.94 3.42 3.76
N ALA B 22 -11.80 3.20 4.40
CA ALA B 22 -10.47 3.38 3.70
C ALA B 22 -9.48 2.39 4.28
N LEU B 23 -8.54 1.98 3.43
N LEU B 23 -8.50 1.97 3.46
CA LEU B 23 -7.57 0.98 3.75
CA LEU B 23 -7.43 1.15 4.03
C LEU B 23 -6.32 1.66 4.47
C LEU B 23 -6.40 1.92 4.76
N LEU B 24 -5.94 1.31 5.77
CA LEU B 24 -4.69 1.79 6.40
C LEU B 24 -3.60 1.20 5.52
N ASP B 25 -2.87 2.06 4.82
CA ASP B 25 -1.95 1.63 3.79
C ASP B 25 -0.55 2.16 3.96
N THR B 26 0.30 1.36 4.57
CA THR B 26 1.63 1.81 4.88
C THR B 26 2.50 2.00 3.60
N GLY B 27 2.02 1.43 2.47
CA GLY B 27 2.72 1.62 1.20
C GLY B 27 2.27 2.89 0.46
N ALA B 28 1.32 3.67 1.02
CA ALA B 28 0.82 4.86 0.36
C ALA B 28 1.39 6.08 1.08
N ASP B 29 2.05 6.98 0.32
CA ASP B 29 2.58 8.21 0.90
C ASP B 29 1.40 9.15 1.24
N ASN B 30 0.35 9.22 0.39
N ASN B 30 0.32 9.01 0.47
CA ASN B 30 -0.74 10.14 0.66
CA ASN B 30 -0.73 10.00 0.38
C ASN B 30 -2.07 9.40 0.77
C ASN B 30 -2.12 9.40 0.62
N THR B 31 -3.04 10.13 1.22
CA THR B 31 -4.37 9.73 1.43
C THR B 31 -5.22 10.08 0.23
N ILE B 32 -6.06 9.14 -0.15
N ILE B 32 -5.94 9.13 -0.33
CA ILE B 32 -6.79 9.25 -1.39
CA ILE B 32 -6.71 9.42 -1.56
C ILE B 32 -8.22 8.75 -1.22
C ILE B 32 -8.10 8.77 -1.46
N PHE B 33 -9.16 9.58 -1.70
CA PHE B 33 -10.57 9.11 -1.77
C PHE B 33 -11.14 9.36 -3.12
N GLU B 34 -12.04 8.44 -3.49
CA GLU B 34 -12.98 8.63 -4.58
C GLU B 34 -14.33 9.13 -4.03
N ASP B 35 -15.06 9.81 -4.88
CA ASP B 35 -16.45 10.14 -4.63
C ASP B 35 -16.68 10.88 -3.32
N ILE B 36 -15.84 11.90 -3.13
CA ILE B 36 -16.18 12.84 -2.09
C ILE B 36 -16.14 14.17 -2.70
N ASN B 37 -16.94 15.09 -2.21
N ASN B 37 -16.82 15.07 -2.02
CA ASN B 37 -16.74 16.49 -2.67
CA ASN B 37 -16.86 16.46 -2.47
C ASN B 37 -16.37 17.38 -1.51
C ASN B 37 -16.30 17.35 -1.38
N LEU B 38 -15.31 18.14 -1.76
CA LEU B 38 -14.66 18.97 -0.82
C LEU B 38 -14.77 20.42 -1.33
N PRO B 39 -14.88 21.38 -0.42
CA PRO B 39 -15.02 22.77 -0.84
C PRO B 39 -13.70 23.45 -1.11
N GLY B 40 -13.79 24.54 -1.81
CA GLY B 40 -12.66 25.43 -1.98
C GLY B 40 -11.69 25.06 -3.08
N ARG B 41 -10.61 25.80 -3.10
CA ARG B 41 -9.56 25.60 -4.11
C ARG B 41 -8.79 24.32 -3.96
N TRP B 42 -8.29 23.88 -5.09
CA TRP B 42 -7.47 22.66 -5.09
C TRP B 42 -6.38 22.86 -6.15
N LYS B 43 -5.44 21.93 -6.12
CA LYS B 43 -4.35 21.93 -7.14
C LYS B 43 -4.32 20.59 -7.85
N PRO B 44 -3.98 20.56 -9.15
CA PRO B 44 -3.89 19.26 -9.83
C PRO B 44 -2.65 18.49 -9.40
N LYS B 45 -2.78 17.17 -9.38
N LYS B 45 -2.75 17.16 -9.42
CA LYS B 45 -1.65 16.27 -9.11
CA LYS B 45 -1.63 16.28 -9.10
C LYS B 45 -1.89 14.94 -9.81
C LYS B 45 -1.89 14.92 -9.76
N MET B 46 -0.82 14.17 -10.06
CA MET B 46 -0.96 12.78 -10.52
C MET B 46 -0.30 11.90 -9.49
N VAL B 47 -0.76 10.66 -9.30
N VAL B 47 -1.04 10.92 -9.13
CA VAL B 47 -0.05 9.58 -8.51
CA VAL B 47 -0.56 10.08 -8.17
C VAL B 47 0.13 8.25 -9.17
C VAL B 47 -0.04 9.00 -9.03
N GLY B 48 1.17 7.51 -8.84
N GLY B 48 1.01 8.39 -8.56
CA GLY B 48 1.50 6.28 -9.61
CA GLY B 48 1.50 7.25 -9.21
C GLY B 48 1.49 5.09 -8.70
C GLY B 48 0.96 6.05 -8.43
N GLY B 49 1.01 3.94 -9.21
N GLY B 49 0.95 4.92 -9.11
CA GLY B 49 1.17 2.73 -8.45
CA GLY B 49 0.57 3.67 -8.49
C GLY B 49 1.33 1.62 -9.41
C GLY B 49 1.40 2.58 -9.18
N ILE B 50 1.00 0.51 -8.99
N ILE B 50 0.97 1.34 -8.99
CA ILE B 50 1.33 -0.44 -9.89
CA ILE B 50 1.59 0.14 -9.49
C ILE B 50 0.31 -0.11 -11.01
C ILE B 50 1.70 -0.06 -11.01
N GLY B 51 0.12 -0.89 -12.03
N GLY B 51 0.60 0.15 -11.69
CA GLY B 51 -0.85 -0.49 -13.04
CA GLY B 51 0.48 -0.25 -13.10
C GLY B 51 -0.71 0.80 -13.85
C GLY B 51 -0.04 0.88 -13.92
N GLY B 52 -0.06 1.84 -13.34
N GLY B 52 0.18 2.10 -13.45
CA GLY B 52 -0.13 3.16 -13.88
CA GLY B 52 -0.50 3.17 -14.15
C GLY B 52 -0.32 4.33 -12.90
C GLY B 52 -0.56 4.30 -13.20
N PHE B 53 -0.71 5.45 -13.46
N PHE B 53 -1.46 5.21 -13.46
CA PHE B 53 -1.08 6.77 -12.79
CA PHE B 53 -1.37 6.29 -12.55
C PHE B 53 -2.56 7.21 -12.80
C PHE B 53 -2.78 6.75 -12.48
N LEU B 54 -2.97 7.79 -11.67
CA LEU B 54 -4.29 8.29 -11.40
C LEU B 54 -4.20 9.82 -11.33
N LYS B 55 -5.11 10.48 -11.99
N LYS B 55 -5.10 10.49 -12.02
CA LYS B 55 -5.28 11.92 -11.93
CA LYS B 55 -5.27 11.96 -11.91
C LYS B 55 -6.15 12.30 -10.72
C LYS B 55 -6.15 12.32 -10.71
N VAL B 56 -5.68 13.26 -9.91
CA VAL B 56 -6.41 13.67 -8.71
C VAL B 56 -6.45 15.22 -8.54
N ARG B 57 -7.34 15.65 -7.66
CA ARG B 57 -7.31 16.97 -7.10
C ARG B 57 -6.71 16.94 -5.72
N GLU B 58 -5.83 17.86 -5.39
CA GLU B 58 -5.25 17.92 -4.06
C GLU B 58 -5.88 19.02 -3.22
N TYR B 59 -6.50 18.67 -2.13
CA TYR B 59 -7.05 19.63 -1.15
C TYR B 59 -6.23 19.62 0.10
N ASP B 60 -5.85 20.82 0.54
CA ASP B 60 -5.06 20.97 1.77
C ASP B 60 -5.96 21.30 2.97
N GLN B 61 -5.46 21.00 4.18
CA GLN B 61 -6.21 21.39 5.40
C GLN B 61 -7.68 20.85 5.47
N VAL B 62 -7.87 19.57 5.17
CA VAL B 62 -9.21 18.93 5.15
C VAL B 62 -9.36 18.17 6.49
N PRO B 63 -10.34 18.48 7.32
N PRO B 63 -10.62 18.22 7.11
CA PRO B 63 -10.50 17.64 8.51
CA PRO B 63 -10.84 17.45 8.32
C PRO B 63 -10.83 16.18 8.12
C PRO B 63 -11.02 15.98 8.10
N ILE B 64 -10.28 15.23 8.89
CA ILE B 64 -10.41 13.76 8.82
C ILE B 64 -10.51 13.26 10.24
N GLU B 65 -11.59 12.55 10.51
CA GLU B 65 -11.81 11.87 11.78
C GLU B 65 -11.51 10.43 11.60
N ILE B 66 -10.56 9.98 12.39
CA ILE B 66 -10.04 8.61 12.20
C ILE B 66 -9.45 8.08 13.53
N ALA B 67 -9.94 6.93 13.88
CA ALA B 67 -9.44 6.16 15.07
C ALA B 67 -9.55 7.02 16.32
N GLY B 68 -10.63 7.78 16.41
CA GLY B 68 -10.91 8.62 17.58
C GLY B 68 -10.09 9.93 17.63
N HIS B 69 -9.38 10.25 16.54
CA HIS B 69 -8.60 11.43 16.48
C HIS B 69 -9.24 12.30 15.40
N LYS B 70 -9.05 13.56 15.52
CA LYS B 70 -9.43 14.48 14.52
C LYS B 70 -8.14 15.10 14.07
N VAL B 71 -7.92 15.01 12.81
CA VAL B 71 -6.67 15.42 12.19
C VAL B 71 -7.11 16.42 11.09
N ILE B 72 -6.19 17.31 10.67
N ILE B 72 -6.21 17.33 10.71
CA ILE B 72 -6.42 18.16 9.49
CA ILE B 72 -6.42 18.01 9.48
C ILE B 72 -5.23 17.92 8.55
C ILE B 72 -5.23 17.59 8.62
N GLY B 73 -5.48 17.40 7.36
CA GLY B 73 -4.41 16.90 6.46
C GLY B 73 -4.76 17.20 5.02
N THR B 74 -3.85 16.80 4.14
CA THR B 74 -4.02 16.85 2.72
C THR B 74 -4.80 15.62 2.30
N VAL B 75 -5.75 15.84 1.39
CA VAL B 75 -6.52 14.76 0.77
C VAL B 75 -6.47 14.87 -0.69
N LEU B 76 -6.15 13.77 -1.37
CA LEU B 76 -6.27 13.73 -2.81
C LEU B 76 -7.62 13.11 -3.17
N VAL B 77 -8.28 13.65 -4.20
CA VAL B 77 -9.56 13.11 -4.65
C VAL B 77 -9.45 12.67 -6.08
N GLY B 78 -9.77 11.40 -6.34
CA GLY B 78 -9.75 10.90 -7.73
C GLY B 78 -10.22 9.47 -7.70
N PRO B 79 -10.33 8.84 -8.88
CA PRO B 79 -11.10 7.51 -9.03
C PRO B 79 -10.28 6.27 -8.65
N THR B 80 -9.65 6.27 -7.50
CA THR B 80 -8.98 5.14 -6.94
C THR B 80 -9.96 3.98 -6.72
N PRO B 81 -9.53 2.74 -6.90
CA PRO B 81 -10.42 1.62 -6.70
C PRO B 81 -10.79 1.38 -5.26
N VAL B 82 -9.93 1.80 -4.32
N VAL B 82 -9.95 1.85 -4.31
CA VAL B 82 -10.31 1.76 -2.94
CA VAL B 82 -10.14 1.63 -2.87
C VAL B 82 -9.77 3.05 -2.35
C VAL B 82 -9.62 2.91 -2.20
N ASN B 83 -10.41 3.50 -1.27
CA ASN B 83 -9.90 4.67 -0.56
C ASN B 83 -8.72 4.27 0.28
N VAL B 84 -7.63 5.06 0.33
N VAL B 84 -7.76 5.18 0.43
CA VAL B 84 -6.49 4.70 1.21
CA VAL B 84 -6.48 4.89 1.03
C VAL B 84 -6.08 5.83 2.08
C VAL B 84 -6.19 5.91 2.13
N ILE B 85 -5.78 5.45 3.31
CA ILE B 85 -5.16 6.32 4.31
C ILE B 85 -3.68 6.10 4.23
N GLY B 86 -2.97 7.15 3.85
CA GLY B 86 -1.50 7.03 3.67
C GLY B 86 -0.74 7.48 4.90
N ARG B 87 0.58 7.45 4.76
CA ARG B 87 1.50 7.77 5.85
C ARG B 87 1.31 9.22 6.27
N ASP B 88 0.95 10.14 5.36
CA ASP B 88 0.72 11.52 5.77
C ASP B 88 -0.35 11.62 6.88
N THR B 89 -1.41 10.82 6.84
CA THR B 89 -2.42 10.85 7.85
C THR B 89 -2.00 9.94 9.03
N MET B 90 -1.44 8.75 8.75
CA MET B 90 -1.12 7.82 9.83
C MET B 90 -0.04 8.34 10.76
N THR B 91 0.90 9.14 10.28
CA THR B 91 1.87 9.74 11.18
C THR B 91 1.19 10.70 12.16
N GLN B 92 0.14 11.36 11.72
N GLN B 92 0.09 11.32 11.76
CA GLN B 92 -0.48 12.32 12.61
CA GLN B 92 -0.64 12.30 12.63
C GLN B 92 -1.17 11.64 13.80
C GLN B 92 -1.38 11.64 13.78
N ILE B 93 -1.53 10.32 13.67
CA ILE B 93 -2.17 9.56 14.78
C ILE B 93 -1.18 8.61 15.47
N GLY B 94 0.08 8.75 15.13
CA GLY B 94 1.15 8.02 15.74
C GLY B 94 1.12 6.51 15.43
N ALA B 95 0.65 6.12 14.27
CA ALA B 95 0.58 4.70 13.94
C ALA B 95 1.98 4.06 13.81
N THR B 96 2.10 2.78 14.20
CA THR B 96 3.33 2.09 14.08
C THR B 96 3.07 0.70 13.48
N LEU B 97 4.09 0.18 12.79
N LEU B 97 4.11 0.12 12.94
CA LEU B 97 4.18 -1.27 12.39
CA LEU B 97 3.97 -1.24 12.46
C LEU B 97 5.00 -2.03 13.41
C LEU B 97 5.01 -2.08 13.20
N ASN B 98 4.55 -3.23 13.73
CA ASN B 98 5.38 -4.14 14.51
C ASN B 98 5.60 -5.38 13.64
N PHE B 99 6.86 -5.84 13.51
CA PHE B 99 7.11 -7.06 12.69
C PHE B 99 8.40 -7.70 13.18
#